data_7LZF
#
_entry.id   7LZF
#
_cell.length_a   49.910
_cell.length_b   76.648
_cell.length_c   76.186
_cell.angle_alpha   90.000
_cell.angle_beta   90.000
_cell.angle_gamma   90.000
#
_symmetry.space_group_name_H-M   'P 21 21 21'
#
loop_
_entity.id
_entity.type
_entity.pdbx_description
1 polymer 'Histone-lysine N-methyltransferase SETD2'
2 non-polymer 'ZINC ION'
3 non-polymer S-ADENOSYLMETHIONINE
4 non-polymer 4-fluoro-N-[(1R,3S)-3-{(3S)-3-[(methanesulfonyl)(methyl)amino]pyrrolidin-1-yl}cyclohexyl]-7-methyl-1H-indole-2-carboxamide
5 non-polymer 1,2-ETHANEDIOL
6 water water
#
_entity_poly.entity_id   1
_entity_poly.type   'polypeptide(L)'
_entity_poly.pdbx_seq_one_letter_code
;GETSVPPGSALVGPSCVMDDFRDPQRWKECAKQGKMPCYFDLIEENVYLTERKKNKSHRDIKRMQCECTPLSKDERAQGE
IACGEDCLNRLLMIECSSRCPNGDYCSNRRFQRKQHADVEVILTEKKGWGLRAAKDLPSNTFVLEYCGEVLDHKEFKARV
KEYARNKNIHYYFMALKNDEIIDATQKGNCSRFMNHSCEPNCETQKWTVNGQLRVGFFTTKLVPSGSELTFDYQFQRYGK
EAQKCFCGSANCRGYLGGENRVSIRAAGGKMKKERSRK
;
_entity_poly.pdbx_strand_id   A
#
# COMPACT_ATOMS: atom_id res chain seq x y z
N GLY A 13 -2.13 21.37 -8.52
CA GLY A 13 -3.24 21.29 -7.53
C GLY A 13 -2.75 21.52 -6.10
N PRO A 14 -3.64 21.38 -5.09
CA PRO A 14 -3.21 21.34 -3.69
C PRO A 14 -2.54 20.01 -3.35
N SER A 15 -1.54 20.04 -2.45
CA SER A 15 -0.78 18.86 -1.98
C SER A 15 -0.69 18.88 -0.44
N CYS A 16 -0.32 17.75 0.16
CA CYS A 16 -0.02 17.62 1.62
C CYS A 16 0.90 16.42 1.85
N VAL A 17 1.64 16.42 2.96
CA VAL A 17 2.68 15.40 3.33
C VAL A 17 2.07 14.46 4.37
N MET A 18 2.70 13.31 4.60
CA MET A 18 2.12 12.20 5.41
C MET A 18 1.98 12.62 6.88
N ASP A 19 2.86 13.48 7.38
CA ASP A 19 2.80 14.01 8.77
C ASP A 19 1.49 14.80 8.97
N ASP A 20 0.96 15.42 7.91
CA ASP A 20 -0.27 16.26 7.97
C ASP A 20 -1.45 15.45 8.52
N PHE A 21 -1.45 14.12 8.34
CA PHE A 21 -2.54 13.19 8.74
C PHE A 21 -2.42 12.81 10.22
N ARG A 22 -1.32 13.17 10.88
CA ARG A 22 -1.05 12.86 12.31
C ARG A 22 -1.87 13.79 13.22
N ASP A 23 -2.28 14.96 12.72
CA ASP A 23 -3.07 15.98 13.47
C ASP A 23 -4.54 15.91 13.04
N PRO A 24 -5.40 15.15 13.78
CA PRO A 24 -6.82 15.02 13.41
C PRO A 24 -7.67 16.30 13.41
N GLN A 25 -7.13 17.42 13.91
CA GLN A 25 -7.85 18.73 14.00
C GLN A 25 -7.48 19.61 12.80
N ARG A 26 -6.18 19.91 12.63
CA ARG A 26 -5.64 20.66 11.46
C ARG A 26 -6.13 20.00 10.17
N TRP A 27 -6.25 18.67 10.17
CA TRP A 27 -6.71 17.84 9.03
C TRP A 27 -8.17 18.18 8.69
N LYS A 28 -9.09 17.99 9.63
CA LYS A 28 -10.54 18.21 9.44
C LYS A 28 -10.81 19.65 8.97
N GLU A 29 -10.04 20.61 9.49
CA GLU A 29 -10.11 22.05 9.09
C GLU A 29 -9.60 22.18 7.64
N CYS A 30 -8.48 21.54 7.31
CA CYS A 30 -7.86 21.54 5.95
C CYS A 30 -8.83 20.90 4.95
N ALA A 31 -9.54 19.85 5.35
CA ALA A 31 -10.50 19.08 4.51
C ALA A 31 -11.62 20.02 4.02
N LYS A 32 -12.14 20.87 4.90
CA LYS A 32 -13.25 21.83 4.60
C LYS A 32 -12.84 22.80 3.48
N GLN A 33 -11.54 23.07 3.33
CA GLN A 33 -10.98 24.05 2.36
C GLN A 33 -10.48 23.35 1.09
N GLY A 34 -10.70 22.04 0.98
CA GLY A 34 -10.26 21.20 -0.16
C GLY A 34 -8.74 21.24 -0.32
N LYS A 35 -8.01 21.27 0.80
CA LYS A 35 -6.52 21.29 0.84
C LYS A 35 -6.00 20.01 1.50
N MET A 36 -6.90 19.13 1.96
CA MET A 36 -6.61 17.71 2.32
C MET A 36 -7.81 16.84 1.94
N PRO A 37 -7.63 15.53 1.70
CA PRO A 37 -8.76 14.63 1.45
C PRO A 37 -9.68 14.52 2.66
N CYS A 38 -10.86 13.91 2.49
CA CYS A 38 -11.87 13.65 3.56
C CYS A 38 -11.19 12.93 4.73
N TYR A 39 -11.75 13.06 5.93
CA TYR A 39 -11.22 12.45 7.18
C TYR A 39 -11.53 10.95 7.19
N PHE A 40 -10.54 10.14 7.60
CA PHE A 40 -10.63 8.68 7.88
C PHE A 40 -9.78 8.38 9.12
N ASP A 41 -10.01 7.23 9.77
CA ASP A 41 -9.22 6.79 10.95
C ASP A 41 -7.86 6.27 10.49
N LEU A 42 -6.77 6.96 10.87
CA LEU A 42 -5.38 6.53 10.56
C LEU A 42 -5.02 5.34 11.45
N ILE A 43 -4.56 4.24 10.83
CA ILE A 43 -4.05 3.02 11.53
C ILE A 43 -2.69 2.65 10.92
N GLU A 44 -1.85 1.95 11.69
CA GLU A 44 -0.44 1.64 11.35
C GLU A 44 -0.31 0.14 11.03
N GLU A 45 -1.37 -0.65 11.24
CA GLU A 45 -1.42 -2.09 10.93
C GLU A 45 -2.87 -2.53 10.73
N ASN A 46 -3.08 -3.63 10.00
CA ASN A 46 -4.42 -4.16 9.64
C ASN A 46 -5.22 -4.46 10.92
N VAL A 47 -6.54 -4.26 10.85
CA VAL A 47 -7.51 -4.51 11.96
C VAL A 47 -8.48 -5.59 11.48
N TYR A 48 -8.36 -6.80 12.04
CA TYR A 48 -9.13 -8.01 11.62
C TYR A 48 -10.54 -7.93 12.22
N LEU A 49 -11.53 -7.59 11.38
CA LEU A 49 -12.95 -7.38 11.79
C LEU A 49 -13.47 -8.63 12.50
N THR A 50 -13.18 -9.81 11.94
CA THR A 50 -13.45 -11.14 12.53
C THR A 50 -12.12 -11.88 12.66
N GLU A 51 -11.72 -12.25 13.88
CA GLU A 51 -10.47 -13.01 14.18
C GLU A 51 -10.59 -14.43 13.59
N ARG A 52 -9.54 -14.89 12.89
CA ARG A 52 -9.50 -16.20 12.18
C ARG A 52 -8.37 -17.04 12.77
N LYS A 62 10.17 -21.95 17.86
CA LYS A 62 9.06 -22.32 16.94
C LYS A 62 9.23 -21.59 15.61
N ARG A 63 9.50 -20.27 15.65
CA ARG A 63 9.71 -19.40 14.47
C ARG A 63 11.03 -19.78 13.78
N MET A 64 11.10 -19.61 12.46
CA MET A 64 12.29 -19.95 11.63
C MET A 64 12.96 -18.68 11.13
N GLN A 65 14.16 -18.39 11.64
CA GLN A 65 15.05 -17.29 11.18
C GLN A 65 15.87 -17.79 9.98
N CYS A 66 16.31 -16.87 9.12
CA CYS A 66 17.13 -17.16 7.91
C CYS A 66 18.51 -17.67 8.33
N GLU A 67 19.38 -17.95 7.36
CA GLU A 67 20.76 -18.49 7.57
C GLU A 67 21.79 -17.54 6.97
N CYS A 68 21.53 -16.23 6.97
CA CYS A 68 22.50 -15.18 6.54
C CYS A 68 23.61 -15.06 7.58
N THR A 69 24.83 -14.75 7.14
CA THR A 69 26.02 -14.53 8.01
C THR A 69 26.03 -13.08 8.48
N PRO A 70 26.17 -12.82 9.80
CA PRO A 70 26.22 -11.44 10.30
C PRO A 70 27.28 -10.60 9.57
N LEU A 71 26.92 -9.39 9.15
CA LEU A 71 27.84 -8.44 8.46
C LEU A 71 28.83 -7.86 9.48
N SER A 72 30.08 -7.65 9.05
CA SER A 72 31.18 -7.06 9.86
C SER A 72 30.96 -5.54 9.99
N LYS A 73 31.62 -4.94 10.98
CA LYS A 73 31.63 -3.48 11.25
C LYS A 73 32.00 -2.73 9.96
N ASP A 74 33.01 -3.23 9.23
CA ASP A 74 33.60 -2.59 8.01
C ASP A 74 32.67 -2.83 6.82
N GLU A 75 32.00 -3.99 6.76
CA GLU A 75 31.14 -4.40 5.62
C GLU A 75 29.90 -3.50 5.56
N ARG A 76 29.28 -3.19 6.70
CA ARG A 76 28.10 -2.27 6.78
C ARG A 76 28.53 -0.86 6.40
N ALA A 77 29.67 -0.39 6.95
CA ALA A 77 30.28 0.93 6.65
C ALA A 77 30.55 1.04 5.15
N GLN A 78 30.99 -0.05 4.50
CA GLN A 78 31.32 -0.12 3.05
C GLN A 78 30.04 0.02 2.22
N GLY A 79 28.89 -0.39 2.78
CA GLY A 79 27.56 -0.27 2.14
C GLY A 79 26.97 -1.61 1.74
N GLU A 80 27.36 -2.70 2.42
CA GLU A 80 26.83 -4.07 2.18
C GLU A 80 25.45 -4.19 2.81
N ILE A 81 24.57 -5.00 2.20
CA ILE A 81 23.16 -5.21 2.62
C ILE A 81 23.09 -6.45 3.51
N ALA A 82 22.69 -6.28 4.76
CA ALA A 82 22.33 -7.37 5.70
C ALA A 82 20.98 -7.94 5.26
N CYS A 83 20.95 -9.24 4.92
CA CYS A 83 19.77 -9.95 4.36
C CYS A 83 19.37 -9.33 3.02
N GLY A 84 20.33 -9.29 2.09
CA GLY A 84 20.13 -8.78 0.71
C GLY A 84 19.33 -9.77 -0.13
N GLU A 85 19.57 -9.77 -1.45
CA GLU A 85 18.78 -10.53 -2.45
C GLU A 85 18.80 -12.04 -2.14
N ASP A 86 19.83 -12.53 -1.46
CA ASP A 86 20.09 -13.99 -1.27
C ASP A 86 19.44 -14.55 0.00
N CYS A 87 18.85 -13.69 0.85
CA CYS A 87 18.25 -14.08 2.16
C CYS A 87 17.15 -15.13 1.95
N LEU A 88 17.12 -16.16 2.79
CA LEU A 88 16.14 -17.28 2.74
C LEU A 88 14.71 -16.75 2.93
N ASN A 89 14.53 -15.78 3.83
CA ASN A 89 13.21 -15.17 4.16
C ASN A 89 12.77 -14.23 3.03
N ARG A 90 13.68 -13.38 2.52
CA ARG A 90 13.37 -12.41 1.44
C ARG A 90 12.91 -13.16 0.19
N LEU A 91 13.45 -14.36 -0.06
CA LEU A 91 13.19 -15.13 -1.30
C LEU A 91 11.81 -15.80 -1.24
N LEU A 92 11.20 -15.92 -0.06
CA LEU A 92 9.79 -16.37 0.11
C LEU A 92 8.89 -15.18 0.47
N MET A 93 9.42 -13.96 0.41
CA MET A 93 8.69 -12.71 0.77
C MET A 93 8.14 -12.87 2.20
N ILE A 94 8.99 -13.37 3.10
CA ILE A 94 8.79 -13.39 4.58
C ILE A 94 9.77 -12.37 5.17
N GLU A 95 9.31 -11.47 6.05
CA GLU A 95 10.20 -10.54 6.78
C GLU A 95 10.86 -11.30 7.94
N CYS A 96 12.10 -10.96 8.28
CA CYS A 96 12.81 -11.49 9.47
C CYS A 96 12.19 -10.87 10.73
N SER A 97 12.39 -11.51 11.88
CA SER A 97 11.95 -11.02 13.22
C SER A 97 13.13 -10.32 13.91
N SER A 98 12.93 -9.89 15.15
CA SER A 98 13.97 -9.29 16.04
C SER A 98 15.13 -10.28 16.24
N ARG A 99 14.87 -11.58 16.06
CA ARG A 99 15.82 -12.68 16.36
C ARG A 99 16.68 -13.03 15.13
N CYS A 100 16.66 -12.20 14.07
CA CYS A 100 17.52 -12.35 12.86
C CYS A 100 18.99 -12.33 13.28
N PRO A 101 19.87 -13.12 12.63
CA PRO A 101 21.32 -13.06 12.91
C PRO A 101 22.02 -11.72 12.63
N ASN A 102 21.40 -10.83 11.86
CA ASN A 102 21.93 -9.47 11.54
C ASN A 102 21.31 -8.44 12.48
N GLY A 103 20.41 -8.86 13.37
CA GLY A 103 19.75 -8.03 14.40
C GLY A 103 19.25 -6.72 13.82
N ASP A 104 19.69 -5.60 14.38
CA ASP A 104 19.25 -4.22 14.02
C ASP A 104 19.49 -3.97 12.54
N TYR A 105 20.57 -4.50 11.98
CA TYR A 105 21.13 -4.20 10.63
C TYR A 105 20.26 -4.80 9.52
N CYS A 106 19.48 -5.85 9.81
CA CYS A 106 18.62 -6.57 8.84
C CYS A 106 17.78 -5.57 8.02
N SER A 107 17.91 -5.61 6.69
CA SER A 107 17.20 -4.73 5.73
C SER A 107 15.87 -5.36 5.27
N ASN A 108 15.51 -6.51 5.84
CA ASN A 108 14.29 -7.30 5.47
C ASN A 108 13.24 -7.19 6.58
N ARG A 109 13.04 -5.99 7.14
CA ARG A 109 12.01 -5.71 8.18
C ARG A 109 11.31 -4.39 7.84
N ARG A 110 11.13 -4.11 6.55
CA ARG A 110 10.71 -2.78 6.01
C ARG A 110 9.28 -2.46 6.48
N PHE A 111 8.36 -3.42 6.42
CA PHE A 111 6.98 -3.29 6.91
C PHE A 111 6.98 -2.96 8.41
N GLN A 112 7.68 -3.77 9.19
CA GLN A 112 7.71 -3.70 10.68
C GLN A 112 8.30 -2.36 11.13
N ARG A 113 9.26 -1.82 10.37
CA ARG A 113 10.02 -0.58 10.71
C ARG A 113 9.43 0.64 9.98
N LYS A 114 8.34 0.47 9.22
CA LYS A 114 7.70 1.57 8.46
C LYS A 114 8.74 2.30 7.61
N GLN A 115 9.60 1.56 6.91
CA GLN A 115 10.68 2.12 6.06
C GLN A 115 10.08 2.53 4.70
N HIS A 116 9.04 3.36 4.76
CA HIS A 116 8.24 3.81 3.59
C HIS A 116 9.04 4.88 2.81
N ALA A 117 8.75 5.04 1.53
CA ALA A 117 9.35 6.07 0.65
C ALA A 117 8.76 7.44 1.00
N ASP A 118 9.45 8.51 0.59
CA ASP A 118 8.99 9.91 0.70
C ASP A 118 7.93 10.15 -0.39
N VAL A 119 6.66 10.25 0.00
CA VAL A 119 5.49 10.40 -0.93
C VAL A 119 4.60 11.54 -0.44
N GLU A 120 3.99 12.28 -1.36
CA GLU A 120 3.00 13.36 -1.10
C GLU A 120 1.61 12.91 -1.58
N VAL A 121 0.56 13.35 -0.89
CA VAL A 121 -0.86 13.16 -1.28
C VAL A 121 -1.30 14.40 -2.08
N ILE A 122 -1.75 14.20 -3.32
CA ILE A 122 -2.07 15.28 -4.30
C ILE A 122 -3.50 15.11 -4.81
N LEU A 123 -4.09 16.19 -5.34
CA LEU A 123 -5.39 16.16 -6.06
C LEU A 123 -5.12 16.01 -7.56
N THR A 124 -5.71 15.00 -8.20
CA THR A 124 -5.67 14.77 -9.67
C THR A 124 -6.86 15.48 -10.33
N GLU A 125 -6.93 15.46 -11.65
CA GLU A 125 -7.98 16.20 -12.43
C GLU A 125 -9.34 15.53 -12.23
N LYS A 126 -9.44 14.20 -12.41
CA LYS A 126 -10.73 13.46 -12.42
C LYS A 126 -10.73 12.26 -11.45
N LYS A 127 -9.57 11.82 -10.97
CA LYS A 127 -9.42 10.52 -10.24
C LYS A 127 -9.59 10.71 -8.73
N GLY A 128 -9.86 11.94 -8.27
CA GLY A 128 -9.84 12.31 -6.84
C GLY A 128 -8.42 12.55 -6.37
N TRP A 129 -8.08 12.11 -5.16
CA TRP A 129 -6.73 12.27 -4.56
C TRP A 129 -5.80 11.14 -5.04
N GLY A 130 -4.48 11.36 -4.95
CA GLY A 130 -3.44 10.49 -5.51
C GLY A 130 -2.13 10.58 -4.73
N LEU A 131 -1.19 9.69 -5.03
CA LEU A 131 0.17 9.66 -4.43
C LEU A 131 1.20 10.04 -5.50
N ARG A 132 2.18 10.89 -5.16
CA ARG A 132 3.34 11.19 -6.04
C ARG A 132 4.65 11.06 -5.23
N ALA A 133 5.73 10.69 -5.93
CA ALA A 133 7.10 10.62 -5.40
C ALA A 133 7.59 12.04 -5.06
N ALA A 134 8.00 12.25 -3.80
CA ALA A 134 8.59 13.52 -3.30
C ALA A 134 10.08 13.55 -3.65
N LYS A 135 10.71 12.39 -3.79
CA LYS A 135 12.09 12.21 -4.32
C LYS A 135 12.07 11.16 -5.44
N ASP A 136 13.15 11.06 -6.22
CA ASP A 136 13.38 9.93 -7.16
C ASP A 136 13.37 8.63 -6.35
N LEU A 137 12.60 7.63 -6.80
CA LEU A 137 12.45 6.31 -6.13
C LEU A 137 13.03 5.24 -7.05
N PRO A 138 14.17 4.61 -6.69
CA PRO A 138 14.74 3.51 -7.47
C PRO A 138 13.77 2.31 -7.63
N SER A 139 14.05 1.45 -8.59
CA SER A 139 13.24 0.24 -8.93
C SER A 139 13.18 -0.71 -7.74
N ASN A 140 12.01 -1.31 -7.49
CA ASN A 140 11.72 -2.28 -6.40
C ASN A 140 11.99 -1.61 -5.04
N THR A 141 11.59 -0.34 -4.89
CA THR A 141 11.60 0.40 -3.60
C THR A 141 10.24 0.23 -2.92
N PHE A 142 10.24 -0.10 -1.63
CA PHE A 142 9.02 -0.19 -0.79
C PHE A 142 8.42 1.21 -0.64
N VAL A 143 7.17 1.39 -1.08
CA VAL A 143 6.44 2.69 -1.02
C VAL A 143 5.67 2.76 0.30
N LEU A 144 4.62 1.94 0.47
CA LEU A 144 3.69 1.97 1.62
C LEU A 144 3.01 0.61 1.77
N GLU A 145 2.72 0.21 3.01
CA GLU A 145 1.82 -0.94 3.31
C GLU A 145 0.37 -0.47 3.15
N TYR A 146 -0.44 -1.24 2.41
CA TYR A 146 -1.90 -1.02 2.29
C TYR A 146 -2.59 -1.61 3.52
N CYS A 147 -2.94 -0.74 4.48
CA CYS A 147 -3.62 -1.12 5.75
C CYS A 147 -5.11 -0.80 5.64
N GLY A 148 -5.93 -1.56 6.38
CA GLY A 148 -7.39 -1.35 6.47
C GLY A 148 -8.04 -2.43 7.32
N GLU A 149 -9.38 -2.49 7.30
CA GLU A 149 -10.19 -3.53 7.97
C GLU A 149 -10.19 -4.78 7.08
N VAL A 150 -9.81 -5.94 7.64
CA VAL A 150 -9.76 -7.23 6.88
C VAL A 150 -11.13 -7.91 7.00
N LEU A 151 -11.80 -8.09 5.85
CA LEU A 151 -13.18 -8.67 5.75
C LEU A 151 -13.07 -10.08 5.20
N ASP A 152 -14.04 -10.95 5.56
CA ASP A 152 -14.27 -12.25 4.86
C ASP A 152 -15.12 -11.96 3.63
N HIS A 153 -15.48 -13.00 2.86
N HIS A 153 -15.47 -13.01 2.88
CA HIS A 153 -16.23 -12.86 1.58
CA HIS A 153 -16.25 -12.94 1.60
C HIS A 153 -17.65 -12.32 1.85
C HIS A 153 -17.63 -12.33 1.86
N LYS A 154 -18.28 -12.71 2.97
CA LYS A 154 -19.65 -12.26 3.34
C LYS A 154 -19.63 -10.77 3.74
N GLU A 155 -18.71 -10.40 4.63
CA GLU A 155 -18.55 -9.02 5.16
C GLU A 155 -18.24 -8.06 4.00
N PHE A 156 -17.36 -8.48 3.09
CA PHE A 156 -16.98 -7.69 1.87
C PHE A 156 -18.23 -7.40 1.04
N LYS A 157 -18.98 -8.44 0.66
CA LYS A 157 -20.18 -8.33 -0.22
C LYS A 157 -21.24 -7.47 0.49
N ALA A 158 -21.36 -7.60 1.80
CA ALA A 158 -22.26 -6.79 2.66
C ALA A 158 -21.95 -5.31 2.46
N ARG A 159 -20.67 -4.95 2.47
CA ARG A 159 -20.18 -3.54 2.52
C ARG A 159 -20.23 -2.91 1.13
N VAL A 160 -20.03 -3.69 0.06
CA VAL A 160 -20.16 -3.19 -1.34
C VAL A 160 -21.59 -2.67 -1.53
N LYS A 161 -22.58 -3.45 -1.08
CA LYS A 161 -24.02 -3.09 -1.10
C LYS A 161 -24.25 -1.84 -0.23
N GLU A 162 -23.64 -1.80 0.96
CA GLU A 162 -23.71 -0.64 1.90
C GLU A 162 -23.14 0.61 1.20
N TYR A 163 -21.95 0.50 0.62
CA TYR A 163 -21.22 1.62 -0.04
C TYR A 163 -21.98 2.07 -1.30
N ALA A 164 -22.58 1.13 -2.03
CA ALA A 164 -23.42 1.40 -3.23
C ALA A 164 -24.67 2.19 -2.82
N ARG A 165 -25.33 1.76 -1.74
CA ARG A 165 -26.55 2.41 -1.18
C ARG A 165 -26.21 3.84 -0.72
N ASN A 166 -25.10 4.01 0.01
CA ASN A 166 -24.57 5.34 0.45
C ASN A 166 -24.20 6.18 -0.78
N LYS A 167 -23.98 5.52 -1.93
CA LYS A 167 -23.53 6.14 -3.20
C LYS A 167 -22.13 6.73 -3.02
N ASN A 168 -21.22 5.96 -2.41
CA ASN A 168 -19.76 6.29 -2.36
C ASN A 168 -19.26 6.40 -3.80
N ILE A 169 -18.21 7.19 -4.04
CA ILE A 169 -17.59 7.34 -5.38
C ILE A 169 -16.30 6.52 -5.43
N HIS A 170 -15.50 6.56 -4.36
CA HIS A 170 -14.22 5.82 -4.24
C HIS A 170 -14.45 4.52 -3.47
N TYR A 171 -13.88 3.42 -3.97
CA TYR A 171 -13.85 2.09 -3.30
C TYR A 171 -12.40 1.76 -2.97
N TYR A 172 -12.18 1.13 -1.81
CA TYR A 172 -10.86 0.95 -1.18
C TYR A 172 -10.68 -0.53 -0.79
N PHE A 173 -11.17 -1.45 -1.62
CA PHE A 173 -11.01 -2.90 -1.44
C PHE A 173 -9.70 -3.36 -2.11
N MET A 174 -9.02 -4.31 -1.47
CA MET A 174 -7.77 -4.95 -1.97
C MET A 174 -7.78 -6.42 -1.58
N ALA A 175 -7.54 -7.32 -2.54
CA ALA A 175 -7.48 -8.78 -2.32
C ALA A 175 -6.19 -9.11 -1.57
N LEU A 176 -6.29 -9.80 -0.43
CA LEU A 176 -5.14 -10.22 0.41
C LEU A 176 -4.90 -11.72 0.19
N LYS A 177 -5.91 -12.55 0.46
CA LYS A 177 -5.90 -14.01 0.24
C LYS A 177 -7.34 -14.51 0.16
N ASN A 178 -7.55 -15.83 0.02
CA ASN A 178 -8.88 -16.48 0.09
C ASN A 178 -9.55 -16.09 1.41
N ASP A 179 -10.72 -15.44 1.34
CA ASP A 179 -11.59 -15.13 2.50
C ASP A 179 -10.95 -14.03 3.35
N GLU A 180 -10.10 -13.18 2.75
CA GLU A 180 -9.49 -12.00 3.41
C GLU A 180 -9.36 -10.87 2.38
N ILE A 181 -10.19 -9.82 2.53
CA ILE A 181 -10.17 -8.61 1.67
C ILE A 181 -9.98 -7.39 2.57
N ILE A 182 -8.98 -6.57 2.28
CA ILE A 182 -8.63 -5.33 3.04
C ILE A 182 -9.54 -4.19 2.57
N ASP A 183 -10.24 -3.55 3.50
CA ASP A 183 -11.15 -2.41 3.24
C ASP A 183 -10.58 -1.18 3.95
N ALA A 184 -10.13 -0.18 3.18
CA ALA A 184 -9.51 1.07 3.68
C ALA A 184 -10.49 2.25 3.54
N THR A 185 -11.80 1.98 3.50
CA THR A 185 -12.85 3.00 3.26
C THR A 185 -13.00 3.90 4.51
N GLN A 186 -13.01 3.30 5.70
CA GLN A 186 -13.20 4.01 7.00
C GLN A 186 -11.85 4.09 7.75
N LYS A 187 -11.03 3.04 7.69
CA LYS A 187 -9.74 2.94 8.42
C LYS A 187 -8.63 2.53 7.45
N GLY A 188 -7.46 3.17 7.56
CA GLY A 188 -6.27 2.85 6.75
C GLY A 188 -5.17 3.89 6.92
N ASN A 189 -4.31 4.02 5.91
CA ASN A 189 -3.24 5.04 5.85
C ASN A 189 -3.22 5.63 4.44
N CYS A 190 -2.16 6.35 4.06
CA CYS A 190 -2.08 7.14 2.81
C CYS A 190 -1.88 6.22 1.59
N SER A 191 -1.62 4.93 1.81
CA SER A 191 -1.60 3.87 0.76
C SER A 191 -2.94 3.87 0.01
N ARG A 192 -4.03 4.21 0.71
CA ARG A 192 -5.43 4.20 0.19
C ARG A 192 -5.64 5.29 -0.87
N PHE A 193 -4.61 6.11 -1.15
CA PHE A 193 -4.68 7.21 -2.13
C PHE A 193 -3.99 6.82 -3.44
N MET A 194 -3.30 5.68 -3.51
CA MET A 194 -2.67 5.25 -4.78
C MET A 194 -3.78 4.89 -5.77
N ASN A 195 -3.73 5.48 -6.96
CA ASN A 195 -4.73 5.33 -8.05
C ASN A 195 -4.28 4.20 -8.97
N HIS A 196 -5.23 3.57 -9.66
CA HIS A 196 -4.98 2.56 -10.72
C HIS A 196 -4.37 3.26 -11.94
N SER A 197 -3.48 2.56 -12.65
CA SER A 197 -3.05 2.90 -14.03
C SER A 197 -2.93 1.61 -14.85
N CYS A 198 -3.36 1.66 -16.11
CA CYS A 198 -3.26 0.56 -17.09
C CYS A 198 -1.81 0.37 -17.52
N GLU A 199 -0.95 1.37 -17.27
CA GLU A 199 0.52 1.28 -17.44
C GLU A 199 1.18 1.80 -16.16
N PRO A 200 1.30 0.96 -15.11
CA PRO A 200 1.70 1.43 -13.78
C PRO A 200 3.22 1.58 -13.62
N ASN A 201 3.64 2.26 -12.55
CA ASN A 201 5.06 2.39 -12.14
C ASN A 201 5.27 1.67 -10.79
N CYS A 202 4.22 1.08 -10.22
CA CYS A 202 4.28 0.26 -8.98
C CYS A 202 3.51 -1.05 -9.14
N GLU A 203 3.70 -1.98 -8.20
CA GLU A 203 2.99 -3.28 -8.09
C GLU A 203 2.70 -3.56 -6.60
N THR A 204 1.79 -4.50 -6.34
CA THR A 204 1.53 -5.08 -5.00
C THR A 204 2.50 -6.25 -4.77
N GLN A 205 3.03 -6.36 -3.56
CA GLN A 205 3.77 -7.55 -3.08
C GLN A 205 3.18 -7.97 -1.74
N LYS A 206 2.76 -9.22 -1.63
CA LYS A 206 2.17 -9.80 -0.39
C LYS A 206 3.32 -10.37 0.46
N TRP A 207 3.49 -9.84 1.67
CA TRP A 207 4.62 -10.15 2.59
C TRP A 207 4.09 -10.75 3.89
N THR A 208 4.82 -11.73 4.43
CA THR A 208 4.50 -12.45 5.69
C THR A 208 5.29 -11.82 6.84
N VAL A 209 4.58 -11.30 7.84
CA VAL A 209 5.16 -10.68 9.07
C VAL A 209 4.53 -11.39 10.28
N ASN A 210 5.34 -12.09 11.08
CA ASN A 210 4.91 -12.84 12.28
C ASN A 210 3.77 -13.79 11.89
N GLY A 211 3.99 -14.58 10.83
CA GLY A 211 3.08 -15.64 10.35
C GLY A 211 1.78 -15.08 9.77
N GLN A 212 1.72 -13.78 9.48
CA GLN A 212 0.51 -13.09 8.97
C GLN A 212 0.86 -12.38 7.65
N LEU A 213 -0.03 -12.48 6.65
CA LEU A 213 0.18 -11.93 5.29
C LEU A 213 -0.28 -10.47 5.26
N ARG A 214 0.59 -9.59 4.75
CA ARG A 214 0.32 -8.15 4.50
C ARG A 214 0.58 -7.85 3.03
N VAL A 215 0.12 -6.70 2.54
CA VAL A 215 0.32 -6.27 1.12
C VAL A 215 0.84 -4.83 1.11
N GLY A 216 1.87 -4.57 0.31
CA GLY A 216 2.49 -3.24 0.16
C GLY A 216 2.72 -2.91 -1.30
N PHE A 217 2.88 -1.61 -1.60
CA PHE A 217 3.21 -1.08 -2.94
C PHE A 217 4.73 -0.97 -3.08
N PHE A 218 5.26 -1.47 -4.21
CA PHE A 218 6.69 -1.43 -4.56
C PHE A 218 6.83 -0.95 -6.01
N THR A 219 7.71 0.03 -6.24
CA THR A 219 8.05 0.55 -7.59
C THR A 219 8.52 -0.62 -8.47
N THR A 220 8.11 -0.64 -9.74
CA THR A 220 8.54 -1.63 -10.75
C THR A 220 9.55 -0.99 -11.72
N LYS A 221 9.96 0.24 -11.42
CA LYS A 221 10.86 1.06 -12.28
C LYS A 221 11.30 2.31 -11.51
N LEU A 222 12.23 3.09 -12.08
CA LEU A 222 12.68 4.38 -11.50
C LEU A 222 11.56 5.41 -11.67
N VAL A 223 10.90 5.78 -10.58
CA VAL A 223 9.84 6.83 -10.54
C VAL A 223 10.52 8.18 -10.33
N PRO A 224 10.53 9.09 -11.34
CA PRO A 224 11.07 10.44 -11.17
C PRO A 224 10.26 11.27 -10.17
N SER A 225 10.94 12.07 -9.34
CA SER A 225 10.34 13.02 -8.37
C SER A 225 9.24 13.83 -9.07
N GLY A 226 8.05 13.92 -8.46
CA GLY A 226 6.89 14.66 -8.99
C GLY A 226 5.90 13.74 -9.68
N SER A 227 6.36 12.61 -10.22
CA SER A 227 5.53 11.60 -10.93
C SER A 227 4.49 11.00 -9.99
N GLU A 228 3.26 10.78 -10.49
CA GLU A 228 2.19 10.07 -9.74
C GLU A 228 2.59 8.60 -9.62
N LEU A 229 2.38 8.02 -8.43
CA LEU A 229 2.55 6.56 -8.17
C LEU A 229 1.24 5.86 -8.53
N THR A 230 1.32 4.79 -9.29
CA THR A 230 0.16 3.99 -9.76
C THR A 230 0.54 2.51 -9.83
N PHE A 231 -0.45 1.63 -9.68
CA PHE A 231 -0.32 0.16 -9.83
C PHE A 231 -1.47 -0.33 -10.73
N ASP A 232 -1.38 -1.57 -11.22
CA ASP A 232 -2.40 -2.23 -12.06
C ASP A 232 -3.36 -2.99 -11.15
N TYR A 233 -4.44 -2.32 -10.70
CA TYR A 233 -5.50 -2.88 -9.83
C TYR A 233 -6.25 -4.00 -10.56
N GLN A 234 -5.88 -5.25 -10.24
CA GLN A 234 -6.62 -6.47 -10.63
C GLN A 234 -7.53 -6.85 -9.46
N PHE A 235 -8.84 -6.91 -9.71
CA PHE A 235 -9.88 -7.32 -8.73
C PHE A 235 -11.13 -7.72 -9.49
N GLN A 236 -11.72 -8.88 -9.17
CA GLN A 236 -12.93 -9.39 -9.85
C GLN A 236 -14.01 -8.30 -9.78
N ARG A 237 -14.58 -7.91 -10.92
CA ARG A 237 -15.66 -6.89 -11.00
C ARG A 237 -16.90 -7.44 -10.29
N TYR A 238 -17.68 -6.54 -9.69
CA TYR A 238 -18.94 -6.85 -8.96
C TYR A 238 -20.01 -5.83 -9.37
N GLY A 239 -21.19 -6.32 -9.73
CA GLY A 239 -22.35 -5.50 -10.12
C GLY A 239 -22.39 -5.25 -11.61
N LYS A 240 -23.29 -4.37 -12.06
CA LYS A 240 -23.56 -4.06 -13.49
C LYS A 240 -22.66 -2.90 -13.94
N GLU A 241 -22.57 -1.83 -13.13
CA GLU A 241 -21.73 -0.65 -13.42
C GLU A 241 -20.28 -0.93 -13.01
N ALA A 242 -19.34 -0.63 -13.90
CA ALA A 242 -17.87 -0.65 -13.66
C ALA A 242 -17.35 0.78 -13.77
N GLN A 243 -16.42 1.17 -12.88
CA GLN A 243 -15.82 2.53 -12.86
C GLN A 243 -14.94 2.71 -14.11
N LYS A 244 -15.14 3.81 -14.84
CA LYS A 244 -14.31 4.18 -16.01
C LYS A 244 -12.90 4.54 -15.53
N CYS A 245 -11.91 4.28 -16.38
CA CYS A 245 -10.48 4.57 -16.11
C CYS A 245 -10.06 5.84 -16.86
N PHE A 246 -9.43 6.78 -16.14
CA PHE A 246 -8.95 8.09 -16.66
C PHE A 246 -7.42 8.16 -16.53
N CYS A 247 -6.74 7.02 -16.66
CA CYS A 247 -5.26 6.89 -16.44
C CYS A 247 -4.50 7.49 -17.62
N GLY A 248 -5.17 7.69 -18.76
CA GLY A 248 -4.64 8.44 -19.93
C GLY A 248 -3.60 7.67 -20.72
N SER A 249 -3.46 6.36 -20.45
CA SER A 249 -2.49 5.47 -21.16
C SER A 249 -3.01 5.19 -22.58
N ALA A 250 -2.10 4.84 -23.48
CA ALA A 250 -2.41 4.45 -24.88
C ALA A 250 -3.18 3.12 -24.92
N ASN A 251 -2.85 2.21 -23.99
CA ASN A 251 -3.39 0.82 -23.95
C ASN A 251 -4.44 0.69 -22.83
N CYS A 252 -5.04 1.81 -22.42
CA CYS A 252 -6.08 1.89 -21.36
C CYS A 252 -7.20 0.87 -21.63
N ARG A 253 -7.49 -0.01 -20.65
CA ARG A 253 -8.55 -1.06 -20.73
C ARG A 253 -9.94 -0.40 -20.66
N GLY A 254 -10.01 0.87 -20.25
CA GLY A 254 -11.24 1.69 -20.27
C GLY A 254 -11.95 1.68 -18.92
N TYR A 255 -11.75 0.63 -18.12
CA TYR A 255 -12.43 0.40 -16.81
C TYR A 255 -11.45 -0.15 -15.78
N LEU A 256 -11.76 0.05 -14.50
CA LEU A 256 -10.96 -0.43 -13.34
C LEU A 256 -11.40 -1.86 -12.99
N GLY A 257 -10.45 -2.75 -12.70
CA GLY A 257 -10.71 -4.10 -12.17
C GLY A 257 -10.53 -5.19 -13.21
N GLY A 258 -11.19 -6.35 -12.98
CA GLY A 258 -11.07 -7.57 -13.80
C GLY A 258 -12.14 -7.64 -14.88
N GLU A 259 -11.87 -8.44 -15.92
CA GLU A 259 -12.61 -8.50 -17.22
C GLU A 259 -14.12 -8.34 -17.04
N ASN A 260 -14.73 -9.02 -16.05
CA ASN A 260 -16.21 -9.08 -15.87
C ASN A 260 -16.52 -9.25 -14.37
#